data_6C9N
#
_entry.id   6C9N
#
_cell.length_a   48.910
_cell.length_b   48.910
_cell.length_c   262.059
_cell.angle_alpha   90.00
_cell.angle_beta   90.00
_cell.angle_gamma   90.00
#
_symmetry.space_group_name_H-M   'P 41'
#
loop_
_entity.id
_entity.type
_entity.pdbx_description
1 polymer 'Adenosine kinase'
2 non-polymer SANGIVAMYCIN
3 non-polymer GLYCEROL
4 non-polymer 'SULFATE ION'
5 non-polymer 'SODIUM ION'
6 water water
#
_entity_poly.entity_id   1
_entity_poly.type   'polypeptide(L)'
_entity_poly.pdbx_seq_one_letter_code
;MTIAVTGSIATDHLMRFPGRFSEQLLPEHLHKVSLSFLVDDLVMHRGGVAGNMAFAIGVLGGEVALVGAAGADFADYRDW
LKARGVNCDHVLISETAHTARFTCTTDVDMAQIASFYPGAMSEARNIKLADVVSAIGKPELVIIGANDPEAMFLHTEECR
KLGLAFAADPSQQLARLSGEEIRRLVNGAAYLFTNDYEWDLLLSKTGWSEADVMAQIDLRVTTLGPKGVDLVEPDGTTIH
VGVVPETSQTDPTGVGDAFRAGFLTGRSAGLGLERSAQLGSLVAVLVLESTGTQEWQWDYEAAASRLAGAYGEHAAAEIV
AVLA
;
_entity_poly.pdbx_strand_id   A,B
#
# COMPACT_ATOMS: atom_id res chain seq x y z
N THR A 2 23.45 -27.16 -8.00
CA THR A 2 22.54 -26.39 -7.19
C THR A 2 22.59 -24.89 -7.52
N ILE A 3 21.42 -24.28 -7.64
CA ILE A 3 21.31 -22.85 -7.88
C ILE A 3 21.12 -22.14 -6.55
N ALA A 4 21.95 -21.14 -6.26
CA ALA A 4 21.75 -20.30 -5.08
C ALA A 4 21.05 -19.01 -5.50
N VAL A 5 19.89 -18.74 -4.92
CA VAL A 5 19.11 -17.54 -5.22
C VAL A 5 19.27 -16.52 -4.08
N THR A 6 19.96 -15.41 -4.34
CA THR A 6 20.01 -14.31 -3.41
C THR A 6 19.06 -13.19 -3.86
N GLY A 7 18.48 -12.50 -2.88
CA GLY A 7 17.62 -11.38 -3.17
C GLY A 7 16.52 -11.30 -2.13
N SER A 8 15.51 -10.49 -2.43
CA SER A 8 14.53 -10.13 -1.40
C SER A 8 13.61 -11.31 -1.06
N ILE A 9 13.21 -11.32 0.21
CA ILE A 9 12.19 -12.22 0.76
C ILE A 9 11.15 -11.30 1.39
N ALA A 10 9.88 -11.48 1.04
CA ALA A 10 8.90 -10.47 1.36
C ALA A 10 7.52 -11.07 1.54
N THR A 11 6.65 -10.26 2.13
CA THR A 11 5.22 -10.44 2.04
C THR A 11 4.71 -9.39 1.04
N ASP A 12 3.94 -9.83 0.05
CA ASP A 12 3.37 -8.96 -0.97
C ASP A 12 1.90 -8.70 -0.61
N HIS A 13 1.52 -7.43 -0.57
CA HIS A 13 0.14 -7.00 -0.29
C HIS A 13 -0.36 -6.41 -1.61
N LEU A 14 -1.16 -7.19 -2.31
CA LEU A 14 -1.50 -6.94 -3.70
C LEU A 14 -2.97 -6.55 -3.79
N MET A 15 -3.22 -5.43 -4.45
CA MET A 15 -4.56 -4.88 -4.55
C MET A 15 -4.87 -4.60 -6.02
N ARG A 16 -6.17 -4.63 -6.32
CA ARG A 16 -6.66 -4.37 -7.67
C ARG A 16 -7.52 -3.13 -7.68
N PHE A 17 -7.17 -2.21 -8.58
CA PHE A 17 -7.93 -1.02 -8.79
C PHE A 17 -8.74 -1.23 -10.05
N PRO A 18 -10.05 -1.19 -10.03
CA PRO A 18 -10.83 -1.37 -11.32
C PRO A 18 -10.95 -0.04 -12.05
N GLY A 19 -9.81 0.47 -12.49
CA GLY A 19 -9.72 1.73 -13.18
C GLY A 19 -8.43 1.74 -13.96
N ARG A 20 -8.02 2.94 -14.36
CA ARG A 20 -6.77 3.11 -15.11
C ARG A 20 -5.99 4.25 -14.47
N PHE A 21 -4.79 3.96 -14.00
CA PHE A 21 -3.91 5.02 -13.46
C PHE A 21 -3.67 6.08 -14.54
N VAL A 33 -0.43 16.61 -4.60
CA VAL A 33 -1.30 15.51 -5.01
C VAL A 33 -1.93 14.77 -3.80
N SER A 34 -2.99 14.02 -4.07
CA SER A 34 -3.65 13.27 -3.02
C SER A 34 -4.41 12.09 -3.59
N LEU A 35 -3.72 11.17 -4.25
CA LEU A 35 -4.36 10.10 -4.97
C LEU A 35 -4.84 9.00 -4.03
N SER A 36 -6.14 8.68 -4.14
CA SER A 36 -6.76 7.57 -3.46
C SER A 36 -7.43 6.64 -4.48
N PHE A 37 -7.07 5.36 -4.42
CA PHE A 37 -7.66 4.34 -5.30
C PHE A 37 -8.56 3.45 -4.46
N LEU A 38 -9.83 3.36 -4.85
CA LEU A 38 -10.73 2.40 -4.21
C LEU A 38 -10.48 1.06 -4.87
N VAL A 39 -10.01 0.10 -4.10
CA VAL A 39 -9.63 -1.20 -4.64
C VAL A 39 -10.67 -2.24 -4.28
N ASP A 40 -10.82 -3.23 -5.14
CA ASP A 40 -11.87 -4.23 -4.94
C ASP A 40 -11.30 -5.60 -4.64
N ASP A 41 -9.99 -5.72 -4.46
CA ASP A 41 -9.33 -6.97 -4.05
C ASP A 41 -8.12 -6.58 -3.21
N LEU A 42 -7.86 -7.37 -2.16
CA LEU A 42 -6.66 -7.17 -1.34
C LEU A 42 -6.23 -8.54 -0.85
N VAL A 43 -5.06 -9.01 -1.24
CA VAL A 43 -4.60 -10.30 -0.77
C VAL A 43 -3.16 -10.21 -0.35
N MET A 44 -2.77 -11.03 0.61
CA MET A 44 -1.39 -11.10 1.07
C MET A 44 -0.79 -12.43 0.65
N HIS A 45 0.43 -12.38 0.11
CA HIS A 45 1.04 -13.53 -0.52
C HIS A 45 2.52 -13.56 -0.22
N ARG A 46 3.10 -14.74 -0.31
CA ARG A 46 4.56 -14.87 -0.22
C ARG A 46 5.22 -14.21 -1.44
N GLY A 47 6.32 -13.50 -1.20
CA GLY A 47 6.96 -12.72 -2.24
C GLY A 47 8.43 -12.49 -2.00
N GLY A 48 8.95 -11.45 -2.65
CA GLY A 48 10.37 -11.24 -2.77
C GLY A 48 10.93 -11.96 -3.99
N VAL A 49 11.89 -11.33 -4.68
CA VAL A 49 12.38 -11.87 -5.93
C VAL A 49 13.04 -13.23 -5.70
N ALA A 50 13.81 -13.37 -4.61
CA ALA A 50 14.48 -14.63 -4.33
C ALA A 50 13.49 -15.66 -3.87
N GLY A 51 12.54 -15.28 -3.05
CA GLY A 51 11.46 -16.19 -2.73
C GLY A 51 10.81 -16.75 -3.98
N ASN A 52 10.46 -15.88 -4.93
CA ASN A 52 9.68 -16.26 -6.09
C ASN A 52 10.49 -17.19 -6.99
N MET A 53 11.76 -16.83 -7.23
CA MET A 53 12.58 -17.66 -8.10
C MET A 53 12.91 -19.00 -7.44
N ALA A 54 13.26 -19.01 -6.15
CA ALA A 54 13.50 -20.27 -5.46
C ALA A 54 12.26 -21.15 -5.49
N PHE A 55 11.09 -20.57 -5.21
CA PHE A 55 9.87 -21.36 -5.28
C PHE A 55 9.67 -22.00 -6.65
N ALA A 56 9.86 -21.22 -7.72
CA ALA A 56 9.56 -21.75 -9.05
C ALA A 56 10.57 -22.85 -9.40
N ILE A 57 11.86 -22.61 -9.09
CA ILE A 57 12.88 -23.60 -9.37
C ILE A 57 12.59 -24.89 -8.60
N GLY A 58 12.14 -24.75 -7.35
CA GLY A 58 11.80 -25.93 -6.59
C GLY A 58 10.60 -26.68 -7.14
N VAL A 59 9.55 -25.95 -7.52
CA VAL A 59 8.36 -26.58 -8.11
C VAL A 59 8.71 -27.33 -9.39
N LEU A 60 9.60 -26.77 -10.21
CA LEU A 60 10.00 -27.44 -11.43
C LEU A 60 11.05 -28.52 -11.18
N GLY A 61 11.39 -28.82 -9.93
CA GLY A 61 12.27 -29.94 -9.64
C GLY A 61 13.76 -29.68 -9.64
N GLY A 62 14.20 -28.41 -9.61
CA GLY A 62 15.61 -28.11 -9.55
C GLY A 62 16.14 -28.12 -8.15
N GLU A 63 17.46 -28.10 -8.02
CA GLU A 63 18.14 -28.02 -6.73
C GLU A 63 18.44 -26.56 -6.45
N VAL A 64 17.93 -26.04 -5.35
CA VAL A 64 17.95 -24.60 -5.13
C VAL A 64 18.05 -24.28 -3.64
N ALA A 65 18.82 -23.23 -3.34
CA ALA A 65 18.97 -22.71 -1.98
C ALA A 65 18.60 -21.23 -1.96
N LEU A 66 17.77 -20.84 -1.00
CA LEU A 66 17.36 -19.47 -0.82
C LEU A 66 18.30 -18.76 0.14
N VAL A 67 18.88 -17.66 -0.29
CA VAL A 67 19.88 -16.95 0.48
C VAL A 67 19.47 -15.48 0.61
N GLY A 68 18.91 -15.12 1.75
CA GLY A 68 18.50 -13.74 1.98
C GLY A 68 18.07 -13.62 3.42
N ALA A 69 17.61 -12.42 3.77
CA ALA A 69 17.26 -12.08 5.15
C ALA A 69 15.76 -11.88 5.27
N ALA A 70 15.16 -12.52 6.29
CA ALA A 70 13.76 -12.35 6.66
C ALA A 70 13.65 -12.08 8.16
N GLY A 71 12.42 -11.88 8.62
CA GLY A 71 12.15 -11.66 10.03
C GLY A 71 11.68 -12.93 10.70
N ALA A 72 11.48 -12.82 12.01
CA ALA A 72 11.09 -13.96 12.83
C ALA A 72 9.77 -14.56 12.38
N ASP A 73 8.96 -13.82 11.64
CA ASP A 73 7.70 -14.36 11.12
C ASP A 73 7.89 -15.36 9.97
N PHE A 74 9.13 -15.64 9.53
CA PHE A 74 9.40 -16.41 8.30
C PHE A 74 9.03 -17.89 8.41
N ALA A 75 8.71 -18.39 9.61
CA ALA A 75 8.58 -19.84 9.80
C ALA A 75 7.60 -20.46 8.82
N ASP A 76 6.38 -19.93 8.76
CA ASP A 76 5.40 -20.49 7.82
C ASP A 76 5.92 -20.44 6.38
N TYR A 77 6.43 -19.27 5.96
CA TYR A 77 7.03 -19.15 4.63
C TYR A 77 8.08 -20.23 4.44
N ARG A 78 8.97 -20.39 5.45
CA ARG A 78 9.97 -21.45 5.40
C ARG A 78 9.35 -22.81 5.07
N ASP A 79 8.28 -23.18 5.79
CA ASP A 79 7.65 -24.48 5.54
C ASP A 79 7.14 -24.56 4.10
N TRP A 80 6.44 -23.51 3.67
CA TRP A 80 5.94 -23.41 2.30
C TRP A 80 7.08 -23.69 1.32
N LEU A 81 8.26 -23.09 1.54
CA LEU A 81 9.33 -23.27 0.56
C LEU A 81 9.93 -24.66 0.67
N LYS A 82 10.09 -25.17 1.89
CA LYS A 82 10.74 -26.46 2.07
C LYS A 82 9.89 -27.58 1.49
N ALA A 83 8.58 -27.45 1.55
CA ALA A 83 7.69 -28.42 0.92
C ALA A 83 7.85 -28.49 -0.59
N ARG A 84 8.39 -27.44 -1.22
CA ARG A 84 8.66 -27.46 -2.66
C ARG A 84 10.12 -27.77 -2.97
N GLY A 85 10.90 -28.20 -1.98
CA GLY A 85 12.29 -28.58 -2.23
C GLY A 85 13.30 -27.48 -2.04
N VAL A 86 12.90 -26.31 -1.58
CA VAL A 86 13.87 -25.23 -1.43
C VAL A 86 14.65 -25.42 -0.13
N ASN A 87 15.97 -25.39 -0.22
CA ASN A 87 16.82 -25.32 0.96
C ASN A 87 16.78 -23.90 1.52
N CYS A 88 16.25 -23.74 2.73
CA CYS A 88 16.21 -22.44 3.38
C CYS A 88 17.22 -22.33 4.52
N ASP A 89 18.13 -23.30 4.65
CA ASP A 89 19.06 -23.30 5.77
C ASP A 89 19.76 -21.97 5.91
N HIS A 90 20.11 -21.34 4.79
CA HIS A 90 20.91 -20.12 4.81
C HIS A 90 20.08 -18.84 4.71
N VAL A 91 18.81 -18.90 5.07
CA VAL A 91 18.05 -17.67 5.30
C VAL A 91 18.49 -17.10 6.66
N LEU A 92 18.91 -15.85 6.67
CA LEU A 92 19.24 -15.15 7.91
C LEU A 92 17.94 -14.62 8.50
N ILE A 93 17.67 -14.98 9.76
CA ILE A 93 16.49 -14.48 10.46
C ILE A 93 16.93 -13.35 11.39
N SER A 94 16.37 -12.16 11.17
CA SER A 94 16.71 -10.99 11.97
C SER A 94 16.17 -11.14 13.40
N GLU A 95 16.93 -10.59 14.36
CA GLU A 95 16.48 -10.60 15.74
C GLU A 95 15.34 -9.62 15.99
N THR A 96 15.30 -8.54 15.21
CA THR A 96 14.41 -7.43 15.50
C THR A 96 13.51 -7.03 14.35
N ALA A 97 13.99 -7.09 13.10
CA ALA A 97 13.23 -6.52 12.00
C ALA A 97 12.25 -7.55 11.46
N HIS A 98 11.16 -7.05 10.90
CA HIS A 98 10.16 -7.87 10.23
C HIS A 98 10.57 -8.08 8.75
N THR A 99 10.09 -9.18 8.17
CA THR A 99 10.29 -9.46 6.76
C THR A 99 9.80 -8.26 5.93
N ALA A 100 10.56 -7.92 4.90
CA ALA A 100 10.20 -6.84 3.99
C ALA A 100 8.74 -6.95 3.54
N ARG A 101 8.16 -5.80 3.23
CA ARG A 101 6.79 -5.74 2.76
C ARG A 101 6.68 -4.96 1.45
N PHE A 102 6.10 -5.60 0.44
CA PHE A 102 5.77 -5.00 -0.84
C PHE A 102 4.29 -4.68 -0.88
N THR A 103 3.95 -3.46 -1.18
CA THR A 103 2.56 -3.06 -1.23
C THR A 103 2.30 -2.51 -2.61
N CYS A 104 1.35 -3.13 -3.33
CA CYS A 104 1.18 -2.86 -4.75
C CYS A 104 -0.28 -2.81 -5.15
N THR A 105 -0.62 -1.79 -5.93
CA THR A 105 -1.96 -1.68 -6.52
C THR A 105 -1.84 -1.78 -8.04
N THR A 106 -2.58 -2.71 -8.63
CA THR A 106 -2.53 -2.97 -10.07
C THR A 106 -3.84 -2.57 -10.74
N ASP A 107 -3.74 -1.85 -11.86
CA ASP A 107 -4.96 -1.35 -12.49
C ASP A 107 -5.40 -2.25 -13.63
N VAL A 108 -6.43 -1.81 -14.35
CA VAL A 108 -7.03 -2.63 -15.40
C VAL A 108 -6.01 -2.92 -16.50
N ASP A 109 -5.16 -1.95 -16.82
CA ASP A 109 -4.14 -2.14 -17.86
C ASP A 109 -2.93 -2.93 -17.40
N MET A 110 -2.95 -3.49 -16.17
CA MET A 110 -1.80 -4.16 -15.57
C MET A 110 -0.69 -3.19 -15.23
N ALA A 111 -0.97 -1.87 -15.25
CA ALA A 111 -0.06 -0.90 -14.70
C ALA A 111 -0.06 -1.02 -13.18
N GLN A 112 1.02 -0.54 -12.56
CA GLN A 112 1.21 -0.74 -11.13
C GLN A 112 1.82 0.45 -10.38
N ILE A 113 1.31 0.69 -9.17
CA ILE A 113 1.80 1.71 -8.25
C ILE A 113 2.11 1.02 -6.94
N ALA A 114 3.37 1.03 -6.53
CA ALA A 114 3.77 0.21 -5.41
C ALA A 114 4.74 0.94 -4.47
N SER A 115 4.77 0.44 -3.23
CA SER A 115 5.74 0.81 -2.20
C SER A 115 6.45 -0.43 -1.68
N PHE A 116 7.75 -0.31 -1.40
CA PHE A 116 8.54 -1.42 -0.87
C PHE A 116 9.26 -1.00 0.40
N TYR A 117 9.03 -1.73 1.47
CA TYR A 117 9.65 -1.47 2.76
C TYR A 117 10.67 -2.56 3.03
N PRO A 118 11.97 -2.25 3.09
CA PRO A 118 12.96 -3.33 3.23
C PRO A 118 12.90 -4.14 4.52
N GLY A 119 12.74 -3.50 5.68
CA GLY A 119 12.79 -4.26 6.92
C GLY A 119 14.04 -5.12 7.01
N ALA A 120 13.87 -6.39 7.38
CA ALA A 120 14.98 -7.30 7.55
C ALA A 120 15.85 -7.45 6.31
N MET A 121 15.36 -7.09 5.12
CA MET A 121 16.17 -7.24 3.93
C MET A 121 17.51 -6.56 4.09
N SER A 122 17.55 -5.44 4.85
CA SER A 122 18.79 -4.69 4.92
C SER A 122 19.91 -5.49 5.59
N GLU A 123 19.58 -6.51 6.39
CA GLU A 123 20.58 -7.32 7.05
C GLU A 123 21.18 -8.35 6.12
N ALA A 124 20.71 -8.46 4.86
CA ALA A 124 21.29 -9.44 3.94
C ALA A 124 22.77 -9.17 3.72
N ARG A 125 23.20 -7.93 3.86
CA ARG A 125 24.62 -7.61 3.74
C ARG A 125 25.50 -8.35 4.75
N ASN A 126 24.90 -9.04 5.72
CA ASN A 126 25.64 -9.80 6.72
C ASN A 126 25.82 -11.25 6.32
N ILE A 127 25.22 -11.68 5.20
CA ILE A 127 25.36 -13.05 4.73
C ILE A 127 26.67 -13.20 3.96
N LYS A 128 27.39 -14.29 4.23
CA LYS A 128 28.64 -14.62 3.56
C LYS A 128 28.37 -15.85 2.72
N LEU A 129 28.54 -15.73 1.40
CA LEU A 129 28.32 -16.87 0.53
C LEU A 129 29.32 -18.00 0.82
N ALA A 130 30.43 -17.70 1.49
CA ALA A 130 31.38 -18.76 1.85
C ALA A 130 30.71 -19.80 2.75
N ASP A 131 29.83 -19.37 3.65
CA ASP A 131 29.11 -20.32 4.48
C ASP A 131 28.24 -21.23 3.65
N VAL A 132 27.51 -20.66 2.69
CA VAL A 132 26.66 -21.49 1.85
C VAL A 132 27.52 -22.47 1.06
N VAL A 133 28.63 -21.98 0.51
CA VAL A 133 29.51 -22.87 -0.25
C VAL A 133 29.97 -24.03 0.64
N SER A 134 30.50 -23.70 1.82
CA SER A 134 30.92 -24.72 2.77
C SER A 134 29.80 -25.69 3.11
N ALA A 135 28.55 -25.23 3.14
CA ALA A 135 27.46 -26.08 3.59
C ALA A 135 26.81 -26.93 2.49
N ILE A 136 26.87 -26.50 1.23
CA ILE A 136 26.25 -27.26 0.14
C ILE A 136 27.18 -27.46 -1.05
N GLY A 137 28.40 -26.96 -0.97
CA GLY A 137 29.29 -27.00 -2.11
C GLY A 137 29.19 -25.74 -2.92
N LYS A 138 30.01 -25.67 -3.93
CA LYS A 138 29.97 -24.53 -4.84
C LYS A 138 28.69 -24.61 -5.65
N PRO A 139 27.89 -23.56 -5.68
CA PRO A 139 26.68 -23.58 -6.53
C PRO A 139 27.03 -23.57 -8.01
N GLU A 140 26.15 -24.21 -8.79
CA GLU A 140 26.19 -24.09 -10.25
C GLU A 140 26.05 -22.64 -10.70
N LEU A 141 25.21 -21.87 -10.02
CA LEU A 141 24.98 -20.48 -10.38
C LEU A 141 24.44 -19.74 -9.16
N VAL A 142 24.89 -18.50 -8.98
CA VAL A 142 24.33 -17.60 -7.96
C VAL A 142 23.54 -16.52 -8.68
N ILE A 143 22.28 -16.41 -8.35
CA ILE A 143 21.44 -15.34 -8.87
C ILE A 143 21.56 -14.16 -7.90
N ILE A 144 22.10 -13.04 -8.38
CA ILE A 144 22.23 -11.82 -7.60
C ILE A 144 21.00 -10.97 -7.92
N GLY A 145 19.90 -11.30 -7.22
CA GLY A 145 18.64 -10.60 -7.42
C GLY A 145 18.49 -9.32 -6.57
N ALA A 146 17.42 -8.58 -6.86
CA ALA A 146 17.18 -7.32 -6.15
C ALA A 146 17.22 -7.56 -4.64
N ASN A 147 18.06 -6.79 -3.94
CA ASN A 147 18.34 -7.06 -2.52
C ASN A 147 18.75 -5.74 -1.87
N ASP A 148 19.15 -5.83 -0.60
CA ASP A 148 19.88 -4.73 0.01
C ASP A 148 21.05 -4.36 -0.89
N PRO A 149 21.23 -3.09 -1.26
CA PRO A 149 22.25 -2.78 -2.27
C PRO A 149 23.63 -3.25 -1.91
N GLU A 150 24.05 -3.03 -0.68
CA GLU A 150 25.38 -3.47 -0.29
C GLU A 150 25.46 -4.99 -0.36
N ALA A 151 24.39 -5.67 0.04
CA ALA A 151 24.40 -7.12 -0.11
C ALA A 151 24.62 -7.50 -1.57
N MET A 152 23.95 -6.82 -2.50
CA MET A 152 24.13 -7.17 -3.92
C MET A 152 25.59 -7.03 -4.31
N PHE A 153 26.22 -5.92 -3.90
CA PHE A 153 27.62 -5.73 -4.24
C PHE A 153 28.50 -6.80 -3.59
N LEU A 154 28.31 -7.04 -2.30
CA LEU A 154 29.18 -7.98 -1.59
C LEU A 154 29.02 -9.39 -2.11
N HIS A 155 27.77 -9.82 -2.34
CA HIS A 155 27.53 -11.10 -2.99
C HIS A 155 28.27 -11.19 -4.32
N THR A 156 28.21 -10.13 -5.13
CA THR A 156 28.87 -10.20 -6.43
C THR A 156 30.38 -10.27 -6.27
N GLU A 157 30.95 -9.43 -5.37
CA GLU A 157 32.39 -9.53 -5.14
C GLU A 157 32.78 -10.95 -4.71
N GLU A 158 31.97 -11.58 -3.84
CA GLU A 158 32.29 -12.89 -3.34
C GLU A 158 32.24 -13.93 -4.43
N CYS A 159 31.23 -13.85 -5.31
CA CYS A 159 31.19 -14.77 -6.44
C CYS A 159 32.46 -14.63 -7.27
N ARG A 160 32.89 -13.40 -7.51
CA ARG A 160 34.11 -13.22 -8.28
C ARG A 160 35.32 -13.78 -7.52
N LYS A 161 35.34 -13.60 -6.20
CA LYS A 161 36.45 -14.05 -5.35
C LYS A 161 36.54 -15.57 -5.35
N LEU A 162 35.47 -16.23 -4.98
CA LEU A 162 35.41 -17.69 -4.90
C LEU A 162 35.22 -18.34 -6.25
N GLY A 163 35.25 -17.57 -7.32
CA GLY A 163 35.06 -18.15 -8.65
C GLY A 163 33.71 -18.80 -8.91
N LEU A 164 32.63 -18.19 -8.43
CA LEU A 164 31.29 -18.69 -8.66
C LEU A 164 30.66 -17.99 -9.85
N ALA A 165 29.94 -18.77 -10.66
CA ALA A 165 29.22 -18.21 -11.79
C ALA A 165 27.97 -17.51 -11.28
N PHE A 166 27.70 -16.30 -11.79
CA PHE A 166 26.56 -15.57 -11.31
C PHE A 166 25.79 -14.86 -12.43
N ALA A 167 24.51 -14.62 -12.11
CA ALA A 167 23.58 -13.87 -12.93
C ALA A 167 23.33 -12.52 -12.27
N ALA A 168 23.60 -11.46 -13.00
CA ALA A 168 23.24 -10.12 -12.51
C ALA A 168 21.76 -9.90 -12.80
N ASP A 169 20.96 -9.66 -11.75
CA ASP A 169 19.51 -9.60 -11.88
C ASP A 169 18.97 -8.46 -11.06
N PRO A 170 19.49 -7.24 -11.31
CA PRO A 170 19.20 -6.11 -10.44
C PRO A 170 17.91 -5.40 -10.74
N SER A 171 16.92 -6.09 -11.29
CA SER A 171 15.74 -5.43 -11.80
C SER A 171 15.27 -4.25 -10.95
N GLN A 172 14.43 -4.49 -9.94
CA GLN A 172 13.73 -3.36 -9.29
C GLN A 172 14.65 -2.42 -8.53
N GLN A 173 15.86 -2.85 -8.19
CA GLN A 173 16.81 -1.95 -7.52
C GLN A 173 17.61 -1.06 -8.48
N LEU A 174 17.46 -1.23 -9.79
CA LEU A 174 18.29 -0.46 -10.72
C LEU A 174 18.07 1.04 -10.55
N ALA A 175 16.83 1.45 -10.30
CA ALA A 175 16.53 2.87 -10.14
C ALA A 175 17.21 3.45 -8.91
N ARG A 176 17.43 2.63 -7.88
CA ARG A 176 17.98 3.00 -6.58
C ARG A 176 19.51 2.97 -6.56
N LEU A 177 20.14 2.40 -7.57
CA LEU A 177 21.58 2.24 -7.57
C LEU A 177 22.25 3.31 -8.42
N SER A 178 23.44 3.70 -8.02
CA SER A 178 24.20 4.62 -8.83
C SER A 178 24.81 3.89 -10.03
N GLY A 179 25.25 4.68 -11.01
CA GLY A 179 25.91 4.12 -12.17
C GLY A 179 27.12 3.27 -11.81
N GLU A 180 27.96 3.77 -10.91
CA GLU A 180 29.15 3.00 -10.53
C GLU A 180 28.77 1.68 -9.87
N GLU A 181 27.75 1.68 -9.02
CA GLU A 181 27.31 0.44 -8.38
C GLU A 181 26.81 -0.57 -9.42
N ILE A 182 26.06 -0.09 -10.42
CA ILE A 182 25.57 -0.96 -11.48
C ILE A 182 26.74 -1.58 -12.23
N ARG A 183 27.71 -0.74 -12.62
CA ARG A 183 28.85 -1.23 -13.37
C ARG A 183 29.57 -2.32 -12.59
N ARG A 184 29.66 -2.15 -11.26
CA ARG A 184 30.27 -3.16 -10.40
C ARG A 184 29.46 -4.43 -10.32
N LEU A 185 28.15 -4.37 -10.60
CA LEU A 185 27.36 -5.59 -10.56
C LEU A 185 27.43 -6.43 -11.84
N VAL A 186 27.82 -5.81 -12.96
CA VAL A 186 27.71 -6.50 -14.25
C VAL A 186 28.95 -7.32 -14.60
N ASN A 187 30.17 -6.81 -14.41
CA ASN A 187 31.31 -7.45 -15.03
C ASN A 187 31.48 -8.89 -14.57
N GLY A 188 31.70 -9.78 -15.53
CA GLY A 188 31.90 -11.19 -15.27
C GLY A 188 30.66 -12.05 -15.18
N ALA A 189 29.49 -11.47 -15.40
CA ALA A 189 28.25 -12.20 -15.23
C ALA A 189 28.07 -13.27 -16.30
N ALA A 190 27.66 -14.46 -15.89
CA ALA A 190 27.25 -15.45 -16.88
C ALA A 190 25.96 -15.01 -17.57
N TYR A 191 25.10 -14.28 -16.86
CA TYR A 191 23.87 -13.77 -17.43
C TYR A 191 23.62 -12.38 -16.91
N LEU A 192 23.05 -11.52 -17.77
CA LEU A 192 22.47 -10.24 -17.37
C LEU A 192 20.99 -10.32 -17.67
N PHE A 193 20.15 -10.22 -16.65
CA PHE A 193 18.71 -10.22 -16.80
C PHE A 193 18.19 -8.80 -16.58
N THR A 194 17.47 -8.25 -17.55
CA THR A 194 16.66 -7.06 -17.27
C THR A 194 15.46 -7.09 -18.22
N ASN A 195 14.51 -6.16 -18.03
CA ASN A 195 13.49 -5.87 -19.03
C ASN A 195 14.01 -4.75 -19.91
N ASP A 196 13.29 -4.46 -21.01
CA ASP A 196 13.82 -3.53 -22.01
C ASP A 196 13.97 -2.11 -21.44
N TYR A 197 13.03 -1.66 -20.62
CA TYR A 197 13.16 -0.33 -20.01
C TYR A 197 14.37 -0.29 -19.08
N GLU A 198 14.51 -1.32 -18.25
CA GLU A 198 15.69 -1.46 -17.38
C GLU A 198 16.97 -1.52 -18.22
N TRP A 199 16.94 -2.19 -19.38
CA TRP A 199 18.12 -2.24 -20.23
C TRP A 199 18.54 -0.84 -20.65
N ASP A 200 17.58 -0.05 -21.11
CA ASP A 200 17.89 1.34 -21.46
C ASP A 200 18.38 2.15 -20.26
N LEU A 201 17.76 1.96 -19.09
CA LEU A 201 18.19 2.69 -17.90
C LEU A 201 19.62 2.30 -17.49
N LEU A 202 19.91 1.01 -17.56
CA LEU A 202 21.25 0.52 -17.28
C LEU A 202 22.28 1.15 -18.22
N LEU A 203 21.98 1.18 -19.51
CA LEU A 203 22.93 1.81 -20.43
C LEU A 203 23.11 3.28 -20.06
N SER A 204 22.00 3.99 -19.80
CA SER A 204 22.07 5.41 -19.51
C SER A 204 22.90 5.66 -18.25
N LYS A 205 22.49 5.06 -17.13
CA LYS A 205 23.15 5.29 -15.86
C LYS A 205 24.60 4.82 -15.87
N THR A 206 24.93 3.76 -16.60
CA THR A 206 26.32 3.33 -16.59
C THR A 206 27.18 4.12 -17.56
N GLY A 207 26.55 4.76 -18.54
CA GLY A 207 27.28 5.29 -19.68
C GLY A 207 27.81 4.25 -20.64
N TRP A 208 27.64 2.96 -20.36
CA TRP A 208 28.16 1.95 -21.25
C TRP A 208 27.34 1.91 -22.53
N SER A 209 28.00 1.54 -23.63
CA SER A 209 27.27 1.19 -24.83
C SER A 209 26.74 -0.26 -24.74
N GLU A 210 25.88 -0.63 -25.70
CA GLU A 210 25.47 -2.02 -25.85
C GLU A 210 26.70 -2.92 -25.98
N ALA A 211 27.63 -2.52 -26.84
CA ALA A 211 28.85 -3.31 -27.04
C ALA A 211 29.71 -3.36 -25.79
N ASP A 212 29.86 -2.23 -25.09
CA ASP A 212 30.61 -2.26 -23.83
C ASP A 212 30.04 -3.30 -22.87
N VAL A 213 28.71 -3.36 -22.77
CA VAL A 213 28.10 -4.33 -21.85
C VAL A 213 28.40 -5.74 -22.33
N MET A 214 28.14 -6.02 -23.61
CA MET A 214 28.27 -7.41 -24.08
C MET A 214 29.71 -7.94 -23.99
N ALA A 215 30.69 -7.04 -23.92
CA ALA A 215 32.08 -7.45 -23.71
C ALA A 215 32.34 -8.05 -22.34
N GLN A 216 31.44 -7.85 -21.39
CA GLN A 216 31.70 -8.25 -20.00
C GLN A 216 30.84 -9.40 -19.51
N ILE A 217 29.89 -9.87 -20.31
CA ILE A 217 28.93 -10.88 -19.88
C ILE A 217 28.90 -12.00 -20.90
N ASP A 218 28.41 -13.16 -20.46
CA ASP A 218 28.27 -14.29 -21.38
C ASP A 218 26.96 -14.28 -22.13
N LEU A 219 25.91 -13.65 -21.59
CA LEU A 219 24.64 -13.63 -22.29
C LEU A 219 23.78 -12.53 -21.70
N ARG A 220 23.09 -11.79 -22.57
CA ARG A 220 22.10 -10.81 -22.15
C ARG A 220 20.71 -11.39 -22.37
N VAL A 221 19.87 -11.32 -21.34
CA VAL A 221 18.48 -11.72 -21.44
C VAL A 221 17.65 -10.49 -21.15
N THR A 222 16.85 -10.07 -22.13
CA THR A 222 16.06 -8.84 -21.99
C THR A 222 14.60 -9.22 -22.24
N THR A 223 13.77 -9.11 -21.19
CA THR A 223 12.35 -9.40 -21.35
C THR A 223 11.67 -8.17 -21.95
N LEU A 224 10.57 -8.40 -22.66
CA LEU A 224 9.99 -7.38 -23.53
C LEU A 224 8.49 -7.27 -23.28
N GLY A 225 8.03 -7.74 -22.13
CA GLY A 225 6.62 -7.77 -21.82
C GLY A 225 5.89 -8.65 -22.80
N PRO A 226 4.83 -8.10 -23.39
CA PRO A 226 4.04 -8.87 -24.37
C PRO A 226 4.82 -9.21 -25.63
N LYS A 227 5.91 -8.53 -25.90
CA LYS A 227 6.71 -8.86 -27.08
C LYS A 227 7.68 -9.99 -26.83
N GLY A 228 7.60 -10.65 -25.67
CA GLY A 228 8.44 -11.82 -25.40
C GLY A 228 9.79 -11.53 -24.77
N VAL A 229 10.85 -12.16 -25.26
CA VAL A 229 12.18 -12.08 -24.66
C VAL A 229 13.25 -12.26 -25.72
N ASP A 230 14.34 -11.52 -25.58
CA ASP A 230 15.54 -11.65 -26.38
C ASP A 230 16.67 -12.27 -25.56
N LEU A 231 17.36 -13.23 -26.16
CA LEU A 231 18.57 -13.82 -25.60
C LEU A 231 19.66 -13.49 -26.60
N VAL A 232 20.60 -12.64 -26.18
CA VAL A 232 21.60 -12.03 -27.05
C VAL A 232 22.98 -12.43 -26.57
N GLU A 233 23.77 -12.99 -27.49
CA GLU A 233 25.13 -13.35 -27.18
C GLU A 233 26.09 -12.24 -27.57
N PRO A 234 27.28 -12.21 -26.98
CA PRO A 234 28.24 -11.13 -27.28
C PRO A 234 28.60 -11.03 -28.77
N ASP A 235 28.54 -12.13 -29.54
CA ASP A 235 28.77 -12.01 -30.98
C ASP A 235 27.53 -11.54 -31.75
N GLY A 236 26.49 -11.07 -31.07
CA GLY A 236 25.32 -10.57 -31.75
C GLY A 236 24.28 -11.63 -32.12
N THR A 237 24.58 -12.91 -31.96
CA THR A 237 23.58 -13.96 -32.15
C THR A 237 22.40 -13.71 -31.25
N THR A 238 21.19 -13.64 -31.83
CA THR A 238 20.00 -13.25 -31.08
C THR A 238 18.89 -14.26 -31.28
N ILE A 239 18.35 -14.74 -30.15
CA ILE A 239 17.18 -15.62 -30.13
C ILE A 239 16.02 -14.82 -29.59
N HIS A 240 14.98 -14.67 -30.38
CA HIS A 240 13.77 -14.00 -29.92
C HIS A 240 12.67 -15.02 -29.69
N VAL A 241 12.10 -15.04 -28.49
CA VAL A 241 11.03 -15.98 -28.16
C VAL A 241 9.77 -15.17 -27.82
N GLY A 242 8.70 -15.35 -28.58
CA GLY A 242 7.46 -14.70 -28.25
C GLY A 242 6.81 -15.35 -27.06
N VAL A 243 5.86 -14.62 -26.48
CA VAL A 243 5.23 -15.10 -25.26
C VAL A 243 4.42 -16.36 -25.53
N VAL A 244 4.18 -17.12 -24.48
CA VAL A 244 3.04 -18.04 -24.45
C VAL A 244 1.83 -17.13 -24.28
N PRO A 245 0.95 -16.98 -25.26
CA PRO A 245 -0.12 -15.96 -25.13
C PRO A 245 -1.03 -16.23 -23.95
N GLU A 246 -1.39 -15.16 -23.25
CA GLU A 246 -2.24 -15.30 -22.05
C GLU A 246 -3.70 -15.51 -22.43
N THR A 247 -4.41 -16.23 -21.58
CA THR A 247 -5.86 -16.38 -21.64
C THR A 247 -6.59 -15.68 -20.50
N SER A 248 -5.90 -15.32 -19.44
CA SER A 248 -6.65 -14.75 -18.32
C SER A 248 -5.71 -13.93 -17.47
N GLN A 249 -5.13 -12.90 -18.08
CA GLN A 249 -4.30 -11.92 -17.38
C GLN A 249 -4.96 -11.36 -16.12
N THR A 250 -4.18 -11.34 -15.03
CA THR A 250 -4.74 -10.93 -13.74
C THR A 250 -3.83 -9.99 -12.94
N ASP A 251 -2.56 -10.31 -12.76
CA ASP A 251 -1.58 -9.50 -12.00
C ASP A 251 -0.18 -9.77 -12.52
N PRO A 252 0.56 -8.74 -12.92
CA PRO A 252 1.90 -8.96 -13.47
C PRO A 252 2.99 -9.18 -12.43
N THR A 253 2.66 -9.10 -11.14
CA THR A 253 3.70 -9.20 -10.12
C THR A 253 4.38 -10.55 -10.25
N GLY A 254 5.69 -10.55 -10.28
CA GLY A 254 6.44 -11.81 -10.29
C GLY A 254 6.62 -12.50 -11.64
N VAL A 255 6.20 -11.87 -12.74
CA VAL A 255 6.32 -12.50 -14.05
C VAL A 255 7.77 -12.59 -14.49
N GLY A 256 8.56 -11.54 -14.26
CA GLY A 256 9.99 -11.59 -14.54
C GLY A 256 10.70 -12.67 -13.75
N ASP A 257 10.45 -12.73 -12.42
CA ASP A 257 11.03 -13.78 -11.59
C ASP A 257 10.69 -15.18 -12.12
N ALA A 258 9.41 -15.41 -12.47
CA ALA A 258 9.02 -16.71 -13.01
C ALA A 258 9.74 -17.03 -14.30
N PHE A 259 9.86 -16.04 -15.18
CA PHE A 259 10.58 -16.29 -16.43
C PHE A 259 12.00 -16.76 -16.15
N ARG A 260 12.71 -16.00 -15.29
CA ARG A 260 14.08 -16.32 -14.93
C ARG A 260 14.18 -17.71 -14.32
N ALA A 261 13.25 -18.06 -13.45
CA ALA A 261 13.31 -19.37 -12.83
C ALA A 261 13.14 -20.46 -13.88
N GLY A 262 12.12 -20.33 -14.73
CA GLY A 262 11.89 -21.35 -15.74
C GLY A 262 13.07 -21.47 -16.69
N PHE A 263 13.61 -20.34 -17.11
CA PHE A 263 14.72 -20.35 -18.06
C PHE A 263 15.93 -21.04 -17.44
N LEU A 264 16.28 -20.66 -16.21
CA LEU A 264 17.45 -21.20 -15.54
C LEU A 264 17.24 -22.66 -15.15
N THR A 265 16.00 -23.06 -14.85
CA THR A 265 15.74 -24.47 -14.60
C THR A 265 15.98 -25.25 -15.87
N GLY A 266 15.49 -24.71 -16.99
CA GLY A 266 15.73 -25.35 -18.27
C GLY A 266 17.21 -25.48 -18.56
N ARG A 267 17.98 -24.40 -18.32
CA ARG A 267 19.41 -24.48 -18.56
C ARG A 267 20.05 -25.54 -17.67
N SER A 268 19.63 -25.62 -16.40
CA SER A 268 20.19 -26.58 -15.46
C SER A 268 19.84 -28.00 -15.85
N ALA A 269 18.72 -28.20 -16.54
CA ALA A 269 18.38 -29.51 -17.09
C ALA A 269 19.01 -29.78 -18.44
N GLY A 270 19.83 -28.87 -18.96
CA GLY A 270 20.56 -29.09 -20.18
C GLY A 270 19.86 -28.63 -21.44
N LEU A 271 18.74 -27.95 -21.35
CA LEU A 271 18.11 -27.44 -22.56
C LEU A 271 18.94 -26.28 -23.15
N GLY A 272 18.82 -26.10 -24.45
CA GLY A 272 19.41 -24.97 -25.13
C GLY A 272 18.74 -23.66 -24.71
N LEU A 273 19.25 -22.57 -25.30
CA LEU A 273 18.80 -21.26 -24.93
C LEU A 273 17.35 -21.08 -25.32
N GLU A 274 17.01 -21.44 -26.56
CA GLU A 274 15.66 -21.20 -27.05
C GLU A 274 14.65 -22.03 -26.27
N ARG A 275 14.94 -23.33 -26.08
CA ARG A 275 14.02 -24.19 -25.35
C ARG A 275 13.85 -23.74 -23.90
N SER A 276 14.97 -23.34 -23.25
CA SER A 276 14.91 -22.81 -21.91
C SER A 276 14.03 -21.56 -21.85
N ALA A 277 14.17 -20.64 -22.82
CA ALA A 277 13.36 -19.43 -22.84
C ALA A 277 11.89 -19.73 -23.08
N GLN A 278 11.60 -20.80 -23.82
CA GLN A 278 10.22 -21.22 -24.04
C GLN A 278 9.63 -21.74 -22.75
N LEU A 279 10.42 -22.49 -21.96
CA LEU A 279 9.92 -22.94 -20.65
C LEU A 279 9.70 -21.74 -19.72
N GLY A 280 10.66 -20.81 -19.72
CA GLY A 280 10.50 -19.60 -18.96
C GLY A 280 9.22 -18.86 -19.33
N SER A 281 8.91 -18.79 -20.64
CA SER A 281 7.74 -18.07 -21.09
C SER A 281 6.48 -18.72 -20.57
N LEU A 282 6.47 -20.04 -20.51
CA LEU A 282 5.31 -20.73 -19.94
C LEU A 282 5.12 -20.40 -18.46
N VAL A 283 6.19 -20.51 -17.68
CA VAL A 283 6.05 -20.20 -16.24
C VAL A 283 5.63 -18.73 -16.06
N ALA A 284 6.20 -17.83 -16.87
CA ALA A 284 5.82 -16.43 -16.80
C ALA A 284 4.32 -16.25 -17.00
N VAL A 285 3.75 -16.89 -18.04
CA VAL A 285 2.34 -16.62 -18.28
C VAL A 285 1.47 -17.21 -17.18
N LEU A 286 1.88 -18.36 -16.61
CA LEU A 286 1.13 -18.91 -15.48
C LEU A 286 1.12 -17.94 -14.30
N VAL A 287 2.23 -17.22 -14.07
CA VAL A 287 2.18 -16.24 -12.96
C VAL A 287 1.34 -15.04 -13.35
N LEU A 288 1.48 -14.57 -14.58
CA LEU A 288 0.63 -13.47 -15.05
C LEU A 288 -0.85 -13.75 -14.83
N GLU A 289 -1.24 -15.02 -14.98
CA GLU A 289 -2.61 -15.47 -14.86
C GLU A 289 -2.97 -15.80 -13.42
N SER A 290 -2.07 -15.52 -12.47
CA SER A 290 -2.35 -15.66 -11.04
C SER A 290 -2.13 -14.33 -10.31
N THR A 291 -2.71 -14.20 -9.11
CA THR A 291 -2.59 -12.93 -8.40
C THR A 291 -1.25 -12.85 -7.67
N GLY A 292 -1.05 -13.74 -6.70
CA GLY A 292 0.23 -13.85 -6.04
C GLY A 292 1.32 -14.37 -6.96
N THR A 293 2.55 -14.17 -6.56
CA THR A 293 3.69 -14.58 -7.36
C THR A 293 3.95 -16.07 -7.26
N GLN A 294 3.44 -16.74 -6.23
CA GLN A 294 3.74 -18.16 -5.99
C GLN A 294 2.46 -18.97 -5.91
N GLU A 295 1.38 -18.43 -6.44
CA GLU A 295 0.05 -19.03 -6.43
C GLU A 295 -0.22 -19.87 -7.65
N TRP A 296 0.68 -19.90 -8.61
CA TRP A 296 0.48 -20.70 -9.79
C TRP A 296 0.65 -22.19 -9.47
N GLN A 297 0.10 -23.00 -10.36
CA GLN A 297 0.11 -24.45 -10.23
C GLN A 297 0.85 -25.01 -11.42
N TRP A 298 1.55 -26.12 -11.20
CA TRP A 298 2.25 -26.82 -12.24
C TRP A 298 1.41 -28.00 -12.69
N ASP A 299 1.04 -28.02 -13.98
CA ASP A 299 0.17 -29.05 -14.56
C ASP A 299 0.88 -29.55 -15.81
N TYR A 300 1.42 -30.77 -15.76
CA TYR A 300 2.24 -31.32 -16.86
C TYR A 300 1.51 -31.20 -18.21
N GLU A 301 0.24 -31.62 -18.25
CA GLU A 301 -0.49 -31.69 -19.51
C GLU A 301 -0.81 -30.31 -20.05
N ALA A 302 -1.31 -29.40 -19.18
CA ALA A 302 -1.55 -28.02 -19.59
C ALA A 302 -0.26 -27.37 -20.11
N ALA A 303 0.85 -27.67 -19.46
CA ALA A 303 2.14 -27.14 -19.89
C ALA A 303 2.51 -27.64 -21.29
N ALA A 304 2.49 -28.97 -21.48
CA ALA A 304 2.76 -29.54 -22.78
C ALA A 304 1.88 -28.91 -23.84
N SER A 305 0.59 -28.73 -23.52
CA SER A 305 -0.35 -28.22 -24.51
C SER A 305 -0.01 -26.80 -24.92
N ARG A 306 0.17 -25.89 -23.96
CA ARG A 306 0.39 -24.50 -24.33
C ARG A 306 1.77 -24.29 -24.93
N LEU A 307 2.78 -25.05 -24.50
CA LEU A 307 4.06 -24.99 -25.16
C LEU A 307 3.92 -25.41 -26.63
N ALA A 308 3.23 -26.53 -26.88
CA ALA A 308 3.02 -26.99 -28.24
C ALA A 308 2.28 -25.95 -29.07
N GLY A 309 1.21 -25.37 -28.49
CA GLY A 309 0.45 -24.36 -29.20
C GLY A 309 1.29 -23.17 -29.58
N ALA A 310 2.26 -22.80 -28.76
CA ALA A 310 2.99 -21.58 -29.08
C ALA A 310 4.20 -21.86 -29.95
N TYR A 311 4.87 -22.95 -29.67
CA TYR A 311 6.21 -23.25 -30.13
C TYR A 311 6.30 -24.53 -30.97
N GLY A 312 5.22 -25.30 -31.06
CA GLY A 312 5.25 -26.53 -31.83
C GLY A 312 5.48 -27.75 -30.96
N GLU A 313 4.99 -28.89 -31.44
CA GLU A 313 4.97 -30.12 -30.64
C GLU A 313 6.37 -30.62 -30.36
N HIS A 314 7.30 -30.48 -31.30
CA HIS A 314 8.65 -30.95 -31.04
C HIS A 314 9.27 -30.20 -29.85
N ALA A 315 9.25 -28.87 -29.90
CA ALA A 315 9.73 -28.04 -28.79
C ALA A 315 9.10 -28.43 -27.47
N ALA A 316 7.78 -28.65 -27.47
CA ALA A 316 7.11 -28.97 -26.22
C ALA A 316 7.57 -30.31 -25.68
N ALA A 317 7.65 -31.32 -26.55
CA ALA A 317 8.10 -32.64 -26.11
C ALA A 317 9.51 -32.56 -25.54
N GLU A 318 10.40 -31.83 -26.20
CA GLU A 318 11.75 -31.73 -25.68
C GLU A 318 11.72 -31.11 -24.28
N ILE A 319 10.92 -30.06 -24.10
CA ILE A 319 10.92 -29.38 -22.81
C ILE A 319 10.38 -30.29 -21.72
N VAL A 320 9.21 -30.87 -21.96
CA VAL A 320 8.57 -31.65 -20.90
C VAL A 320 9.36 -32.92 -20.64
N ALA A 321 10.22 -33.33 -21.60
CA ALA A 321 11.06 -34.51 -21.42
C ALA A 321 12.00 -34.35 -20.22
N VAL A 322 12.56 -33.15 -20.00
CA VAL A 322 13.51 -32.97 -18.90
C VAL A 322 12.85 -32.62 -17.59
N LEU A 323 11.53 -32.61 -17.52
CA LEU A 323 10.82 -32.40 -16.26
C LEU A 323 9.92 -33.60 -15.93
N THR B 2 -25.39 12.98 23.30
CA THR B 2 -24.40 12.04 22.80
C THR B 2 -24.18 12.21 21.29
N ILE B 3 -22.92 12.19 20.88
CA ILE B 3 -22.59 12.27 19.47
C ILE B 3 -22.47 10.86 18.90
N ALA B 4 -23.21 10.58 17.84
CA ALA B 4 -23.08 9.30 17.15
C ALA B 4 -22.20 9.49 15.92
N VAL B 5 -21.09 8.79 15.87
CA VAL B 5 -20.14 8.88 14.76
C VAL B 5 -20.33 7.68 13.84
N THR B 6 -20.85 7.90 12.64
CA THR B 6 -20.93 6.89 11.61
C THR B 6 -19.83 7.11 10.56
N GLY B 7 -19.32 6.00 10.02
CA GLY B 7 -18.32 6.05 8.97
C GLY B 7 -17.34 4.91 9.11
N SER B 8 -16.22 5.02 8.38
CA SER B 8 -15.34 3.86 8.22
C SER B 8 -14.59 3.53 9.52
N ILE B 9 -14.34 2.22 9.70
CA ILE B 9 -13.48 1.65 10.73
C ILE B 9 -12.43 0.85 10.00
N ALA B 10 -11.15 1.09 10.32
CA ALA B 10 -10.11 0.58 9.47
C ALA B 10 -8.82 0.32 10.21
N THR B 11 -7.95 -0.45 9.55
CA THR B 11 -6.54 -0.48 9.87
C THR B 11 -5.81 0.34 8.80
N ASP B 12 -4.99 1.27 9.25
CA ASP B 12 -4.20 2.14 8.38
C ASP B 12 -2.75 1.63 8.34
N HIS B 13 -2.24 1.41 7.12
CA HIS B 13 -0.88 0.95 6.89
C HIS B 13 -0.19 2.15 6.26
N LEU B 14 0.59 2.84 7.07
CA LEU B 14 1.12 4.16 6.73
C LEU B 14 2.62 4.07 6.51
N MET B 15 3.07 4.58 5.36
CA MET B 15 4.45 4.52 4.97
C MET B 15 4.96 5.90 4.58
N ARG B 16 6.27 6.08 4.71
CA ARG B 16 6.92 7.34 4.38
C ARG B 16 7.90 7.13 3.24
N PHE B 17 7.75 7.95 2.22
CA PHE B 17 8.65 7.96 1.11
C PHE B 17 9.57 9.14 1.31
N PRO B 18 10.87 9.00 1.42
CA PRO B 18 11.74 10.19 1.60
C PRO B 18 12.10 10.81 0.24
N GLY B 19 11.09 11.30 -0.45
CA GLY B 19 11.24 11.90 -1.75
C GLY B 19 10.04 12.77 -2.00
N ARG B 20 9.82 13.10 -3.27
CA ARG B 20 8.68 13.92 -3.65
C ARG B 20 7.95 13.25 -4.80
N PHE B 21 6.67 12.93 -4.59
CA PHE B 21 5.85 12.38 -5.67
C PHE B 21 5.83 13.31 -6.88
N SER B 22 5.87 14.63 -6.66
CA SER B 22 5.90 15.58 -7.77
C SER B 22 6.95 15.19 -8.81
N GLU B 23 8.11 14.71 -8.36
CA GLU B 23 9.15 14.24 -9.27
C GLU B 23 8.97 12.79 -9.66
N GLN B 24 8.18 12.02 -8.91
CA GLN B 24 7.93 10.59 -9.20
C GLN B 24 9.17 9.77 -9.02
N VAL B 33 2.10 4.07 -14.12
CA VAL B 33 2.44 3.04 -15.12
C VAL B 33 3.30 1.94 -14.43
N SER B 34 4.38 2.31 -13.74
CA SER B 34 5.08 1.29 -12.97
C SER B 34 5.86 1.91 -11.82
N LEU B 35 5.17 2.67 -10.98
CA LEU B 35 5.81 3.46 -9.96
C LEU B 35 6.11 2.61 -8.74
N SER B 36 7.36 2.63 -8.31
CA SER B 36 7.80 1.99 -7.06
C SER B 36 8.48 3.03 -6.18
N PHE B 37 8.01 3.13 -4.93
CA PHE B 37 8.58 4.02 -3.94
C PHE B 37 9.28 3.19 -2.88
N LEU B 38 10.56 3.44 -2.68
CA LEU B 38 11.27 2.80 -1.59
C LEU B 38 10.97 3.62 -0.34
N VAL B 39 10.34 3.00 0.64
CA VAL B 39 9.89 3.71 1.82
C VAL B 39 10.75 3.34 3.01
N ASP B 40 10.90 4.27 3.94
CA ASP B 40 11.79 4.06 5.07
C ASP B 40 11.05 3.96 6.40
N ASP B 41 9.72 3.92 6.39
CA ASP B 41 8.90 3.70 7.57
C ASP B 41 7.63 2.96 7.14
N LEU B 42 7.17 2.02 7.96
CA LEU B 42 5.90 1.33 7.74
C LEU B 42 5.30 1.01 9.10
N VAL B 43 4.15 1.58 9.43
CA VAL B 43 3.52 1.31 10.71
C VAL B 43 2.05 1.03 10.47
N MET B 44 1.48 0.18 11.31
CA MET B 44 0.07 -0.14 11.23
C MET B 44 -0.65 0.46 12.41
N HIS B 45 -1.77 1.12 12.18
CA HIS B 45 -2.42 1.93 13.21
C HIS B 45 -3.93 1.79 13.10
N ARG B 46 -4.63 2.10 14.20
CA ARG B 46 -6.09 2.18 14.17
C ARG B 46 -6.53 3.36 13.30
N GLY B 47 -7.58 3.15 12.51
CA GLY B 47 -8.00 4.16 11.58
C GLY B 47 -9.46 4.06 11.20
N GLY B 48 -9.77 4.68 10.06
CA GLY B 48 -11.14 4.91 9.64
C GLY B 48 -11.61 6.24 10.21
N VAL B 49 -12.41 6.99 9.44
CA VAL B 49 -12.82 8.33 9.84
C VAL B 49 -13.67 8.27 11.10
N ALA B 50 -14.57 7.28 11.21
CA ALA B 50 -15.40 7.20 12.41
C ALA B 50 -14.57 6.76 13.59
N GLY B 51 -13.69 5.78 13.38
CA GLY B 51 -12.76 5.44 14.42
C GLY B 51 -12.03 6.67 14.95
N ASN B 52 -11.49 7.50 14.04
CA ASN B 52 -10.64 8.62 14.41
C ASN B 52 -11.41 9.68 15.18
N MET B 53 -12.61 10.05 14.66
CA MET B 53 -13.40 11.07 15.33
C MET B 53 -13.95 10.58 16.66
N ALA B 54 -14.44 9.33 16.75
CA ALA B 54 -14.87 8.80 18.03
C ALA B 54 -13.72 8.80 19.01
N PHE B 55 -12.54 8.31 18.60
CA PHE B 55 -11.40 8.31 19.51
C PHE B 55 -11.11 9.72 20.05
N ALA B 56 -11.10 10.72 19.17
CA ALA B 56 -10.72 12.06 19.60
C ALA B 56 -11.78 12.64 20.54
N ILE B 57 -13.06 12.45 20.19
CA ILE B 57 -14.13 12.94 21.04
C ILE B 57 -14.06 12.27 22.42
N GLY B 58 -13.76 10.97 22.45
CA GLY B 58 -13.63 10.30 23.73
C GLY B 58 -12.47 10.80 24.55
N VAL B 59 -11.31 10.98 23.90
CA VAL B 59 -10.14 11.51 24.60
C VAL B 59 -10.43 12.91 25.16
N LEU B 60 -11.19 13.72 24.43
CA LEU B 60 -11.51 15.05 24.93
C LEU B 60 -12.65 15.06 25.93
N GLY B 61 -13.16 13.92 26.35
CA GLY B 61 -14.18 13.87 27.39
C GLY B 61 -15.63 13.94 26.94
N GLY B 62 -15.92 13.79 25.65
CA GLY B 62 -17.29 13.81 25.17
C GLY B 62 -17.97 12.47 25.26
N GLU B 63 -19.29 12.48 25.08
CA GLU B 63 -20.12 11.27 25.04
C GLU B 63 -20.27 10.88 23.58
N VAL B 64 -19.84 9.69 23.22
CA VAL B 64 -19.72 9.34 21.82
C VAL B 64 -19.95 7.84 21.64
N ALA B 65 -20.64 7.51 20.55
CA ALA B 65 -20.87 6.13 20.14
C ALA B 65 -20.35 5.95 18.72
N LEU B 66 -19.60 4.88 18.50
CA LEU B 66 -19.07 4.53 17.19
C LEU B 66 -20.05 3.60 16.48
N VAL B 67 -20.47 3.98 15.28
CA VAL B 67 -21.50 3.27 14.55
C VAL B 67 -20.97 2.96 13.15
N GLY B 68 -20.49 1.74 12.95
CA GLY B 68 -19.98 1.33 11.67
C GLY B 68 -19.69 -0.16 11.72
N ALA B 69 -19.19 -0.68 10.60
CA ALA B 69 -18.98 -2.10 10.41
C ALA B 69 -17.49 -2.43 10.39
N ALA B 70 -17.09 -3.44 11.17
CA ALA B 70 -15.72 -3.97 11.21
C ALA B 70 -15.72 -5.49 11.09
N GLY B 71 -14.54 -6.10 11.07
CA GLY B 71 -14.41 -7.53 11.01
C GLY B 71 -14.15 -8.15 12.39
N ALA B 72 -14.06 -9.48 12.39
CA ALA B 72 -13.88 -10.22 13.65
C ALA B 72 -12.58 -9.83 14.36
N ASP B 73 -11.61 -9.27 13.65
CA ASP B 73 -10.37 -8.80 14.27
C ASP B 73 -10.54 -7.55 15.13
N PHE B 74 -11.74 -6.96 15.22
CA PHE B 74 -11.96 -5.65 15.84
C PHE B 74 -11.77 -5.63 17.35
N ALA B 75 -11.63 -6.81 17.98
CA ALA B 75 -11.68 -6.87 19.44
C ALA B 75 -10.67 -5.94 20.10
N ASP B 76 -9.39 -6.06 19.72
CA ASP B 76 -8.38 -5.18 20.30
C ASP B 76 -8.74 -3.71 20.07
N TYR B 77 -9.07 -3.35 18.83
CA TYR B 77 -9.50 -1.99 18.53
C TYR B 77 -10.63 -1.58 19.45
N ARG B 78 -11.63 -2.46 19.59
CA ARG B 78 -12.74 -2.19 20.50
C ARG B 78 -12.26 -1.79 21.89
N ASP B 79 -11.34 -2.58 22.47
CA ASP B 79 -10.82 -2.26 23.80
C ASP B 79 -10.17 -0.89 23.79
N TRP B 80 -9.30 -0.65 22.81
CA TRP B 80 -8.65 0.64 22.65
C TRP B 80 -9.67 1.77 22.72
N LEU B 81 -10.79 1.62 21.98
CA LEU B 81 -11.75 2.71 21.96
C LEU B 81 -12.50 2.80 23.28
N LYS B 82 -12.86 1.67 23.87
CA LYS B 82 -13.65 1.70 25.09
C LYS B 82 -12.85 2.28 26.24
N ALA B 83 -11.54 2.05 26.28
CA ALA B 83 -10.73 2.67 27.31
C ALA B 83 -10.72 4.20 27.23
N ARG B 84 -11.04 4.78 26.08
CA ARG B 84 -11.11 6.22 25.93
C ARG B 84 -12.53 6.74 26.02
N GLY B 85 -13.48 5.91 26.48
CA GLY B 85 -14.84 6.35 26.68
C GLY B 85 -15.77 6.11 25.52
N VAL B 86 -15.30 5.45 24.45
CA VAL B 86 -16.15 5.29 23.28
C VAL B 86 -17.09 4.11 23.50
N ASN B 87 -18.38 4.37 23.30
CA ASN B 87 -19.39 3.30 23.24
C ASN B 87 -19.26 2.59 21.90
N CYS B 88 -18.89 1.32 21.93
CA CYS B 88 -18.79 0.52 20.72
C CYS B 88 -19.90 -0.52 20.57
N ASP B 89 -20.93 -0.47 21.42
CA ASP B 89 -21.96 -1.51 21.39
C ASP B 89 -22.50 -1.70 19.99
N HIS B 90 -22.67 -0.62 19.25
CA HIS B 90 -23.33 -0.67 17.95
C HIS B 90 -22.35 -0.74 16.79
N VAL B 91 -21.13 -1.24 17.02
CA VAL B 91 -20.31 -1.69 15.91
C VAL B 91 -20.85 -3.02 15.42
N LEU B 92 -21.14 -3.12 14.13
CA LEU B 92 -21.54 -4.36 13.50
C LEU B 92 -20.28 -5.14 13.13
N ILE B 93 -20.18 -6.37 13.62
CA ILE B 93 -19.03 -7.24 13.32
C ILE B 93 -19.45 -8.21 12.23
N SER B 94 -18.74 -8.18 11.10
CA SER B 94 -19.09 -9.06 9.99
C SER B 94 -18.74 -10.51 10.33
N GLU B 95 -19.55 -11.43 9.80
CA GLU B 95 -19.25 -12.85 10.00
C GLU B 95 -18.06 -13.29 9.17
N THR B 96 -17.81 -12.62 8.05
CA THR B 96 -16.87 -13.10 7.06
C THR B 96 -15.79 -12.11 6.64
N ALA B 97 -16.09 -10.82 6.58
CA ALA B 97 -15.16 -9.85 6.00
C ALA B 97 -14.21 -9.34 7.07
N HIS B 98 -13.03 -8.94 6.64
CA HIS B 98 -12.04 -8.32 7.51
C HIS B 98 -12.30 -6.79 7.56
N THR B 99 -11.86 -6.18 8.67
CA THR B 99 -11.91 -4.73 8.79
C THR B 99 -11.25 -4.08 7.58
N ALA B 100 -11.84 -3.01 7.08
CA ALA B 100 -11.29 -2.22 5.99
C ALA B 100 -9.81 -1.92 6.21
N ARG B 101 -9.09 -1.78 5.10
CA ARG B 101 -7.67 -1.47 5.13
C ARG B 101 -7.34 -0.26 4.26
N PHE B 102 -6.69 0.74 4.86
CA PHE B 102 -6.17 1.92 4.19
C PHE B 102 -4.67 1.77 4.07
N THR B 103 -4.15 1.92 2.88
CA THR B 103 -2.73 1.79 2.63
C THR B 103 -2.27 3.09 2.02
N CYS B 104 -1.31 3.74 2.65
CA CYS B 104 -0.96 5.09 2.26
C CYS B 104 0.53 5.33 2.34
N THR B 105 1.06 5.99 1.33
CA THR B 105 2.46 6.44 1.29
C THR B 105 2.50 7.95 1.23
N THR B 106 3.21 8.57 2.19
CA THR B 106 3.29 10.02 2.30
C THR B 106 4.71 10.50 1.97
N ASP B 107 4.82 11.54 1.16
CA ASP B 107 6.14 12.01 0.74
C ASP B 107 6.60 13.18 1.64
N VAL B 108 7.76 13.73 1.28
CA VAL B 108 8.38 14.78 2.09
C VAL B 108 7.46 16.00 2.21
N ASP B 109 6.77 16.33 1.13
CA ASP B 109 5.86 17.46 1.10
C ASP B 109 4.53 17.21 1.75
N MET B 110 4.33 16.03 2.40
CA MET B 110 3.05 15.62 2.95
C MET B 110 2.05 15.31 1.85
N ALA B 111 2.47 15.17 0.60
CA ALA B 111 1.61 14.59 -0.42
C ALA B 111 1.41 13.10 -0.14
N GLN B 112 0.31 12.55 -0.68
CA GLN B 112 -0.07 11.17 -0.38
C GLN B 112 -0.60 10.38 -1.58
N ILE B 113 -0.20 9.10 -1.66
CA ILE B 113 -0.70 8.14 -2.66
C ILE B 113 -1.23 6.93 -1.90
N ALA B 114 -2.53 6.67 -2.02
CA ALA B 114 -3.18 5.72 -1.15
C ALA B 114 -4.13 4.80 -1.91
N SER B 115 -4.38 3.65 -1.30
CA SER B 115 -5.40 2.69 -1.71
C SER B 115 -6.30 2.35 -0.54
N PHE B 116 -7.60 2.19 -0.80
CA PHE B 116 -8.54 1.87 0.28
C PHE B 116 -9.35 0.63 -0.08
N TYR B 117 -9.33 -0.36 0.79
CA TYR B 117 -10.04 -1.60 0.59
C TYR B 117 -11.19 -1.64 1.59
N PRO B 118 -12.44 -1.64 1.13
CA PRO B 118 -13.57 -1.53 2.08
C PRO B 118 -13.74 -2.74 2.99
N GLY B 119 -13.64 -3.96 2.48
CA GLY B 119 -13.94 -5.12 3.32
C GLY B 119 -15.29 -4.98 4.03
N ALA B 120 -15.29 -5.25 5.34
CA ALA B 120 -16.51 -5.23 6.14
C ALA B 120 -17.25 -3.90 6.09
N MET B 121 -16.58 -2.81 5.69
CA MET B 121 -17.25 -1.51 5.68
C MET B 121 -18.53 -1.58 4.88
N SER B 122 -18.53 -2.39 3.82
CA SER B 122 -19.71 -2.42 2.93
C SER B 122 -20.95 -2.94 3.65
N GLU B 123 -20.79 -3.65 4.76
CA GLU B 123 -21.93 -4.14 5.51
C GLU B 123 -22.55 -3.08 6.38
N ALA B 124 -21.97 -1.87 6.45
CA ALA B 124 -22.54 -0.80 7.26
C ALA B 124 -23.96 -0.45 6.82
N ARG B 125 -24.27 -0.66 5.55
CA ARG B 125 -25.63 -0.44 5.06
C ARG B 125 -26.68 -1.28 5.79
N ASN B 126 -26.27 -2.25 6.60
CA ASN B 126 -27.21 -3.09 7.35
C ASN B 126 -27.50 -2.51 8.72
N ILE B 127 -26.84 -1.41 9.09
CA ILE B 127 -27.05 -0.78 10.39
C ILE B 127 -28.27 0.13 10.33
N LYS B 128 -29.08 0.06 11.38
CA LYS B 128 -30.28 0.89 11.52
C LYS B 128 -30.04 1.81 12.71
N LEU B 129 -30.05 3.11 12.45
CA LEU B 129 -29.86 4.07 13.53
C LEU B 129 -30.99 3.97 14.57
N ALA B 130 -32.14 3.41 14.20
CA ALA B 130 -33.21 3.26 15.18
C ALA B 130 -32.76 2.40 16.36
N ASP B 131 -31.95 1.37 16.11
CA ASP B 131 -31.43 0.55 17.21
C ASP B 131 -30.57 1.38 18.16
N VAL B 132 -29.66 2.19 17.60
CA VAL B 132 -28.82 3.01 18.45
C VAL B 132 -29.68 3.99 19.23
N VAL B 133 -30.67 4.59 18.57
CA VAL B 133 -31.56 5.51 19.26
C VAL B 133 -32.23 4.82 20.46
N SER B 134 -32.82 3.65 20.20
CA SER B 134 -33.44 2.87 21.26
C SER B 134 -32.46 2.55 22.39
N ALA B 135 -31.19 2.33 22.08
CA ALA B 135 -30.25 1.88 23.10
C ALA B 135 -29.58 3.01 23.88
N ILE B 136 -29.46 4.20 23.30
CA ILE B 136 -28.82 5.32 23.96
C ILE B 136 -29.64 6.60 23.88
N GLY B 137 -30.82 6.56 23.27
CA GLY B 137 -31.58 7.76 23.09
C GLY B 137 -31.26 8.44 21.78
N LYS B 138 -31.95 9.53 21.54
CA LYS B 138 -31.68 10.32 20.34
C LYS B 138 -30.31 10.97 20.49
N PRO B 139 -29.42 10.82 19.51
CA PRO B 139 -28.13 11.51 19.58
C PRO B 139 -28.33 13.01 19.44
N GLU B 140 -27.46 13.76 20.12
CA GLU B 140 -27.32 15.21 19.90
C GLU B 140 -26.96 15.51 18.45
N LEU B 141 -26.11 14.69 17.85
CA LEU B 141 -25.70 14.89 16.47
C LEU B 141 -25.23 13.54 15.92
N VAL B 142 -25.55 13.29 14.65
CA VAL B 142 -25.05 12.12 13.94
C VAL B 142 -24.06 12.61 12.88
N ILE B 143 -22.83 12.12 12.95
CA ILE B 143 -21.83 12.43 11.93
C ILE B 143 -21.91 11.39 10.83
N ILE B 144 -22.27 11.84 9.63
CA ILE B 144 -22.36 10.98 8.45
C ILE B 144 -21.01 11.08 7.74
N GLY B 145 -20.04 10.30 8.22
CA GLY B 145 -18.72 10.29 7.65
C GLY B 145 -18.55 9.31 6.46
N ALA B 146 -17.39 9.42 5.80
CA ALA B 146 -17.11 8.57 4.66
C ALA B 146 -17.35 7.10 5.06
N ASN B 147 -18.18 6.42 4.26
CA ASN B 147 -18.64 5.07 4.64
C ASN B 147 -18.96 4.31 3.36
N ASP B 148 -19.49 3.11 3.51
CA ASP B 148 -20.19 2.48 2.41
C ASP B 148 -21.20 3.47 1.82
N PRO B 149 -21.20 3.70 0.51
CA PRO B 149 -22.04 4.79 -0.03
C PRO B 149 -23.51 4.64 0.33
N GLU B 150 -24.03 3.44 0.19
CA GLU B 150 -25.44 3.22 0.50
C GLU B 150 -25.70 3.44 1.98
N ALA B 151 -24.76 3.03 2.83
CA ALA B 151 -24.90 3.33 4.24
C ALA B 151 -24.99 4.84 4.47
N MET B 152 -24.17 5.62 3.78
CA MET B 152 -24.21 7.08 3.97
C MET B 152 -25.59 7.60 3.63
N PHE B 153 -26.13 7.15 2.49
CA PHE B 153 -27.45 7.60 2.08
C PHE B 153 -28.51 7.15 3.08
N LEU B 154 -28.48 5.88 3.48
CA LEU B 154 -29.53 5.36 4.37
C LEU B 154 -29.45 6.01 5.74
N HIS B 155 -28.24 6.15 6.30
CA HIS B 155 -28.06 6.89 7.55
C HIS B 155 -28.62 8.30 7.46
N THR B 156 -28.38 9.00 6.35
CA THR B 156 -28.88 10.37 6.21
C THR B 156 -30.39 10.38 6.11
N GLU B 157 -30.97 9.47 5.29
CA GLU B 157 -32.42 9.36 5.22
C GLU B 157 -33.04 9.09 6.59
N GLU B 158 -32.40 8.23 7.39
CA GLU B 158 -32.90 7.89 8.71
C GLU B 158 -32.82 9.07 9.65
N CYS B 159 -31.71 9.83 9.61
CA CYS B 159 -31.65 11.02 10.45
C CYS B 159 -32.80 11.95 10.12
N ARG B 160 -33.10 12.12 8.82
CA ARG B 160 -34.22 12.98 8.46
C ARG B 160 -35.54 12.40 8.95
N LYS B 161 -35.70 11.07 8.85
CA LYS B 161 -36.94 10.41 9.25
C LYS B 161 -37.19 10.57 10.75
N LEU B 162 -36.24 10.15 11.55
CA LEU B 162 -36.32 10.20 13.01
C LEU B 162 -36.05 11.59 13.56
N GLY B 163 -35.89 12.58 12.71
CA GLY B 163 -35.58 13.93 13.15
C GLY B 163 -34.27 14.12 13.87
N LEU B 164 -33.21 13.46 13.43
CA LEU B 164 -31.91 13.61 14.07
C LEU B 164 -31.08 14.67 13.35
N ALA B 165 -30.41 15.50 14.12
CA ALA B 165 -29.52 16.50 13.56
C ALA B 165 -28.25 15.80 13.10
N PHE B 166 -27.79 16.14 11.89
CA PHE B 166 -26.62 15.47 11.37
C PHE B 166 -25.64 16.41 10.68
N ALA B 167 -24.41 15.91 10.59
CA ALA B 167 -23.31 16.54 9.89
C ALA B 167 -23.00 15.73 8.64
N ALA B 168 -23.11 16.38 7.49
CA ALA B 168 -22.69 15.76 6.24
C ALA B 168 -21.16 15.89 6.17
N ASP B 169 -20.47 14.74 6.11
CA ASP B 169 -19.03 14.72 6.20
C ASP B 169 -18.47 13.73 5.21
N PRO B 170 -18.78 13.88 3.92
CA PRO B 170 -18.51 12.77 2.96
C PRO B 170 -17.05 12.61 2.57
N SER B 171 -16.23 13.63 2.88
CA SER B 171 -14.87 13.82 2.42
C SER B 171 -14.38 12.80 1.42
N GLN B 172 -13.65 11.77 1.88
CA GLN B 172 -12.94 10.92 0.93
C GLN B 172 -13.85 10.15 -0.02
N GLN B 173 -15.12 10.00 0.30
CA GLN B 173 -16.05 9.36 -0.64
C GLN B 173 -16.63 10.30 -1.67
N LEU B 174 -16.36 11.60 -1.59
CA LEU B 174 -16.99 12.53 -2.54
C LEU B 174 -16.63 12.17 -3.98
N ALA B 175 -15.39 11.75 -4.20
CA ALA B 175 -14.92 11.42 -5.54
C ALA B 175 -15.66 10.21 -6.12
N ARG B 176 -16.12 9.30 -5.26
CA ARG B 176 -16.77 8.05 -5.60
C ARG B 176 -18.28 8.20 -5.79
N LEU B 177 -18.87 9.31 -5.37
CA LEU B 177 -20.31 9.48 -5.39
C LEU B 177 -20.75 10.30 -6.60
N SER B 178 -21.94 10.01 -7.09
CA SER B 178 -22.50 10.82 -8.16
C SER B 178 -23.05 12.14 -7.61
N GLY B 179 -23.30 13.08 -8.53
CA GLY B 179 -23.88 14.34 -8.13
C GLY B 179 -25.19 14.19 -7.38
N GLU B 180 -26.09 13.33 -7.89
CA GLU B 180 -27.38 13.13 -7.24
C GLU B 180 -27.22 12.56 -5.84
N GLU B 181 -26.30 11.61 -5.65
CA GLU B 181 -26.08 11.04 -4.32
C GLU B 181 -25.57 12.11 -3.35
N ILE B 182 -24.65 12.96 -3.82
CA ILE B 182 -24.14 14.06 -3.00
C ILE B 182 -25.29 14.98 -2.59
N ARG B 183 -26.12 15.39 -3.57
CA ARG B 183 -27.23 16.27 -3.25
C ARG B 183 -28.14 15.66 -2.19
N ARG B 184 -28.34 14.34 -2.26
CA ARG B 184 -29.14 13.64 -1.26
C ARG B 184 -28.48 13.63 0.10
N LEU B 185 -27.16 13.79 0.16
CA LEU B 185 -26.50 13.79 1.47
C LEU B 185 -26.50 15.16 2.16
N VAL B 186 -26.68 16.23 1.40
CA VAL B 186 -26.48 17.57 1.99
C VAL B 186 -27.74 18.15 2.63
N ASN B 187 -28.90 18.03 2.01
CA ASN B 187 -30.03 18.83 2.45
C ASN B 187 -30.40 18.56 3.91
N GLY B 188 -30.60 19.62 4.65
CA GLY B 188 -30.98 19.55 6.04
C GLY B 188 -29.86 19.41 7.05
N ALA B 189 -28.62 19.43 6.60
CA ALA B 189 -27.48 19.17 7.47
C ALA B 189 -27.29 20.32 8.45
N ALA B 190 -27.06 19.99 9.72
CA ALA B 190 -26.67 21.05 10.65
C ALA B 190 -25.27 21.57 10.31
N TYR B 191 -24.43 20.72 9.75
CA TYR B 191 -23.09 21.08 9.35
C TYR B 191 -22.76 20.40 8.04
N LEU B 192 -22.01 21.08 7.19
CA LEU B 192 -21.35 20.47 6.01
C LEU B 192 -19.86 20.66 6.22
N PHE B 193 -19.13 19.55 6.33
CA PHE B 193 -17.68 19.57 6.49
C PHE B 193 -17.04 19.14 5.16
N THR B 194 -16.15 19.97 4.62
CA THR B 194 -15.27 19.49 3.56
C THR B 194 -13.97 20.28 3.63
N ASN B 195 -12.97 19.90 2.82
CA ASN B 195 -11.83 20.77 2.57
C ASN B 195 -12.12 21.60 1.31
N ASP B 196 -11.24 22.57 1.02
CA ASP B 196 -11.56 23.52 -0.05
C ASP B 196 -11.62 22.84 -1.42
N TYR B 197 -10.76 21.86 -1.67
CA TYR B 197 -10.83 21.12 -2.92
C TYR B 197 -12.13 20.35 -3.03
N GLU B 198 -12.49 19.64 -1.94
CA GLU B 198 -13.76 18.91 -1.87
C GLU B 198 -14.93 19.86 -2.06
N TRP B 199 -14.85 21.08 -1.50
CA TRP B 199 -15.92 22.03 -1.67
C TRP B 199 -16.10 22.39 -3.13
N ASP B 200 -14.99 22.64 -3.83
CA ASP B 200 -15.12 22.89 -5.27
C ASP B 200 -15.67 21.68 -6.02
N LEU B 201 -15.22 20.47 -5.67
CA LEU B 201 -15.73 19.27 -6.36
C LEU B 201 -17.20 19.06 -6.09
N LEU B 202 -17.63 19.30 -4.86
CA LEU B 202 -19.03 19.20 -4.50
C LEU B 202 -19.88 20.16 -5.31
N LEU B 203 -19.45 21.42 -5.42
CA LEU B 203 -20.21 22.36 -6.24
C LEU B 203 -20.26 21.87 -7.69
N SER B 204 -19.13 21.41 -8.21
CA SER B 204 -19.11 20.97 -9.60
C SER B 204 -20.05 19.81 -9.80
N LYS B 205 -19.82 18.70 -9.09
CA LYS B 205 -20.59 17.48 -9.30
C LYS B 205 -22.07 17.67 -9.00
N THR B 206 -22.41 18.52 -8.04
CA THR B 206 -23.83 18.74 -7.74
C THR B 206 -24.46 19.74 -8.69
N GLY B 207 -23.66 20.60 -9.31
CA GLY B 207 -24.16 21.74 -10.03
C GLY B 207 -24.68 22.86 -9.17
N TRP B 208 -24.72 22.71 -7.86
CA TRP B 208 -25.25 23.75 -7.00
C TRP B 208 -24.33 24.96 -7.01
N SER B 209 -24.91 26.14 -6.81
CA SER B 209 -24.11 27.29 -6.49
C SER B 209 -23.74 27.27 -4.99
N GLU B 210 -22.83 28.17 -4.59
CA GLU B 210 -22.53 28.36 -3.17
C GLU B 210 -23.81 28.70 -2.41
N ALA B 211 -24.63 29.61 -2.97
CA ALA B 211 -25.87 30.02 -2.33
C ALA B 211 -26.89 28.87 -2.29
N ASP B 212 -26.99 28.09 -3.36
CA ASP B 212 -27.86 26.92 -3.32
C ASP B 212 -27.50 25.99 -2.16
N VAL B 213 -26.20 25.80 -1.93
CA VAL B 213 -25.80 24.92 -0.82
C VAL B 213 -26.18 25.56 0.50
N MET B 214 -25.82 26.83 0.71
CA MET B 214 -26.03 27.45 2.01
C MET B 214 -27.52 27.57 2.36
N ALA B 215 -28.39 27.57 1.36
CA ALA B 215 -29.83 27.58 1.63
C ALA B 215 -30.29 26.29 2.29
N GLN B 216 -29.49 25.21 2.25
CA GLN B 216 -29.94 23.90 2.73
C GLN B 216 -29.29 23.44 4.01
N ILE B 217 -28.31 24.17 4.55
CA ILE B 217 -27.53 23.72 5.69
C ILE B 217 -27.49 24.84 6.73
N ASP B 218 -27.17 24.47 7.98
CA ASP B 218 -27.07 25.48 9.01
C ASP B 218 -25.69 26.13 9.07
N LEU B 219 -24.65 25.41 8.64
CA LEU B 219 -23.29 25.95 8.70
C LEU B 219 -22.40 25.15 7.75
N ARG B 220 -21.52 25.88 7.06
CA ARG B 220 -20.48 25.26 6.24
C ARG B 220 -19.14 25.38 6.98
N VAL B 221 -18.42 24.28 7.09
CA VAL B 221 -17.07 24.28 7.62
C VAL B 221 -16.19 23.78 6.50
N THR B 222 -15.25 24.61 6.07
CA THR B 222 -14.36 24.28 4.96
C THR B 222 -12.94 24.41 5.47
N THR B 223 -12.21 23.27 5.54
CA THR B 223 -10.83 23.32 5.96
C THR B 223 -9.95 23.71 4.77
N LEU B 224 -8.80 24.32 5.07
CA LEU B 224 -8.01 25.00 4.05
C LEU B 224 -6.55 24.60 4.17
N GLY B 225 -6.28 23.43 4.76
CA GLY B 225 -4.93 23.00 4.99
C GLY B 225 -4.19 23.99 5.85
N PRO B 226 -3.00 24.41 5.40
CA PRO B 226 -2.22 25.37 6.19
C PRO B 226 -2.86 26.75 6.30
N LYS B 227 -3.85 27.06 5.49
CA LYS B 227 -4.54 28.33 5.61
C LYS B 227 -5.64 28.29 6.65
N GLY B 228 -5.76 27.20 7.41
CA GLY B 228 -6.73 27.14 8.48
C GLY B 228 -8.12 26.65 8.10
N VAL B 229 -9.18 27.32 8.54
CA VAL B 229 -10.55 26.83 8.33
C VAL B 229 -11.50 28.02 8.31
N ASP B 230 -12.48 27.94 7.43
CA ASP B 230 -13.61 28.87 7.36
C ASP B 230 -14.87 28.22 7.93
N LEU B 231 -15.57 28.97 8.74
CA LEU B 231 -16.90 28.62 9.24
C LEU B 231 -17.84 29.68 8.71
N VAL B 232 -18.75 29.27 7.83
CA VAL B 232 -19.60 30.20 7.07
C VAL B 232 -21.06 29.92 7.36
N GLU B 233 -21.79 30.98 7.74
CA GLU B 233 -23.22 30.85 7.95
C GLU B 233 -23.98 31.24 6.70
N PRO B 234 -25.22 30.79 6.57
CA PRO B 234 -26.02 31.08 5.37
C PRO B 234 -26.20 32.56 5.08
N ASP B 235 -26.15 33.44 6.08
CA ASP B 235 -26.19 34.88 5.82
C ASP B 235 -24.82 35.48 5.47
N GLY B 236 -23.81 34.65 5.17
CA GLY B 236 -22.51 35.15 4.77
C GLY B 236 -21.57 35.48 5.90
N THR B 237 -22.06 35.46 7.14
CA THR B 237 -21.18 35.63 8.30
C THR B 237 -20.07 34.59 8.25
N THR B 238 -18.83 35.04 8.28
CA THR B 238 -17.67 34.15 8.09
C THR B 238 -16.66 34.34 9.19
N ILE B 239 -16.30 33.22 9.82
CA ILE B 239 -15.23 33.17 10.82
C ILE B 239 -14.06 32.43 10.19
N HIS B 240 -12.93 33.09 10.09
CA HIS B 240 -11.71 32.46 9.62
C HIS B 240 -10.78 32.21 10.81
N VAL B 241 -10.37 30.96 10.99
CA VAL B 241 -9.47 30.60 12.08
C VAL B 241 -8.18 30.07 11.44
N GLY B 242 -7.05 30.73 11.70
CA GLY B 242 -5.78 30.21 11.22
C GLY B 242 -5.35 28.99 12.00
N VAL B 243 -4.41 28.26 11.44
CA VAL B 243 -3.96 27.03 12.09
C VAL B 243 -3.26 27.33 13.41
N VAL B 244 -3.21 26.33 14.29
CA VAL B 244 -2.17 26.27 15.31
C VAL B 244 -0.89 25.88 14.58
N PRO B 245 0.11 26.74 14.45
CA PRO B 245 1.24 26.41 13.55
C PRO B 245 2.00 25.17 14.02
N GLU B 246 2.39 24.34 13.05
CA GLU B 246 3.07 23.10 13.38
C GLU B 246 4.53 23.37 13.73
N THR B 247 5.07 22.50 14.58
CA THR B 247 6.48 22.43 14.89
C THR B 247 7.18 21.19 14.36
N SER B 248 6.44 20.17 13.99
CA SER B 248 7.10 18.92 13.60
C SER B 248 6.15 18.13 12.73
N GLN B 249 5.82 18.67 11.55
CA GLN B 249 5.01 17.99 10.55
C GLN B 249 5.52 16.58 10.22
N THR B 250 4.62 15.59 10.26
CA THR B 250 5.07 14.23 10.05
C THR B 250 4.18 13.41 9.12
N ASP B 251 2.87 13.39 9.34
CA ASP B 251 1.90 12.64 8.47
C ASP B 251 0.55 13.33 8.54
N PRO B 252 -0.03 13.69 7.39
CA PRO B 252 -1.32 14.39 7.41
C PRO B 252 -2.53 13.50 7.60
N THR B 253 -2.36 12.17 7.68
CA THR B 253 -3.51 11.29 7.78
C THR B 253 -4.32 11.64 9.04
N GLY B 254 -5.63 11.80 8.86
CA GLY B 254 -6.50 12.00 10.02
C GLY B 254 -6.58 13.43 10.56
N VAL B 255 -5.97 14.39 9.88
CA VAL B 255 -5.99 15.77 10.36
C VAL B 255 -7.39 16.35 10.26
N GLY B 256 -8.09 16.05 9.16
CA GLY B 256 -9.48 16.48 9.03
C GLY B 256 -10.39 15.90 10.11
N ASP B 257 -10.29 14.58 10.31
CA ASP B 257 -11.09 13.94 11.36
C ASP B 257 -10.82 14.60 12.72
N ALA B 258 -9.54 14.85 13.04
CA ALA B 258 -9.16 15.46 14.30
C ALA B 258 -9.79 16.85 14.45
N PHE B 259 -9.72 17.64 13.38
CA PHE B 259 -10.33 18.95 13.45
C PHE B 259 -11.82 18.85 13.74
N ARG B 260 -12.51 17.98 13.00
CA ARG B 260 -13.95 17.79 13.20
C ARG B 260 -14.26 17.36 14.63
N ALA B 261 -13.48 16.44 15.17
CA ALA B 261 -13.71 15.98 16.53
C ALA B 261 -13.54 17.12 17.52
N GLY B 262 -12.42 17.84 17.43
CA GLY B 262 -12.19 18.92 18.34
C GLY B 262 -13.26 19.99 18.25
N PHE B 263 -13.65 20.35 17.03
CA PHE B 263 -14.65 21.39 16.84
C PHE B 263 -15.99 20.98 17.44
N LEU B 264 -16.44 19.76 17.13
CA LEU B 264 -17.72 19.25 17.58
C LEU B 264 -17.73 18.96 19.08
N THR B 265 -16.58 18.59 19.65
CA THR B 265 -16.50 18.47 21.10
C THR B 265 -16.67 19.84 21.72
N GLY B 266 -16.02 20.85 21.13
CA GLY B 266 -16.18 22.21 21.63
C GLY B 266 -17.61 22.68 21.58
N ARG B 267 -18.29 22.42 20.44
CA ARG B 267 -19.68 22.82 20.33
C ARG B 267 -20.51 22.09 21.39
N SER B 268 -20.22 20.81 21.61
CA SER B 268 -20.97 20.00 22.57
C SER B 268 -20.71 20.46 24.01
N ALA B 269 -19.56 21.07 24.26
CA ALA B 269 -19.28 21.70 25.55
C ALA B 269 -19.79 23.14 25.64
N GLY B 270 -20.45 23.64 24.61
CA GLY B 270 -21.04 24.95 24.66
C GLY B 270 -20.17 26.08 24.17
N LEU B 271 -19.00 25.79 23.61
CA LEU B 271 -18.21 26.88 23.06
C LEU B 271 -18.85 27.42 21.78
N GLY B 272 -18.55 28.69 21.49
CA GLY B 272 -18.94 29.32 20.26
C GLY B 272 -18.19 28.72 19.06
N LEU B 273 -18.49 29.28 17.90
CA LEU B 273 -17.95 28.75 16.67
C LEU B 273 -16.44 28.96 16.62
N GLU B 274 -16.00 30.17 16.93
CA GLU B 274 -14.59 30.48 16.80
C GLU B 274 -13.77 29.70 17.80
N ARG B 275 -14.21 29.67 19.06
CA ARG B 275 -13.49 28.94 20.07
C ARG B 275 -13.46 27.44 19.76
N SER B 276 -14.59 26.88 19.31
CA SER B 276 -14.64 25.49 18.91
C SER B 276 -13.66 25.19 17.79
N ALA B 277 -13.62 26.07 16.77
CA ALA B 277 -12.68 25.91 15.66
C ALA B 277 -11.23 26.04 16.12
N GLN B 278 -10.98 26.83 17.15
CA GLN B 278 -9.63 26.94 17.71
C GLN B 278 -9.25 25.64 18.41
N LEU B 279 -10.20 25.03 19.13
CA LEU B 279 -9.89 23.72 19.72
C LEU B 279 -9.67 22.66 18.64
N GLY B 280 -10.53 22.65 17.65
CA GLY B 280 -10.34 21.76 16.52
C GLY B 280 -8.97 21.90 15.90
N SER B 281 -8.52 23.16 15.71
CA SER B 281 -7.23 23.43 15.11
C SER B 281 -6.09 22.87 15.95
N LEU B 282 -6.23 22.92 17.27
CA LEU B 282 -5.23 22.31 18.14
C LEU B 282 -5.16 20.80 17.96
N VAL B 283 -6.32 20.13 18.01
CA VAL B 283 -6.29 18.67 17.83
C VAL B 283 -5.74 18.32 16.44
N ALA B 284 -6.13 19.08 15.42
CA ALA B 284 -5.63 18.87 14.08
C ALA B 284 -4.10 18.89 14.05
N VAL B 285 -3.47 19.90 14.65
CA VAL B 285 -2.03 19.95 14.52
C VAL B 285 -1.36 18.84 15.32
N LEU B 286 -1.94 18.46 16.46
CA LEU B 286 -1.40 17.33 17.20
C LEU B 286 -1.40 16.05 16.35
N VAL B 287 -2.44 15.84 15.53
CA VAL B 287 -2.43 14.66 14.65
C VAL B 287 -1.43 14.83 13.53
N LEU B 288 -1.38 16.02 12.93
CA LEU B 288 -0.36 16.31 11.91
C LEU B 288 1.04 15.95 12.38
N GLU B 289 1.31 16.16 13.66
CA GLU B 289 2.61 15.93 14.26
C GLU B 289 2.81 14.51 14.76
N SER B 290 1.87 13.59 14.50
CA SER B 290 2.07 12.15 14.78
C SER B 290 1.76 11.32 13.53
N THR B 291 2.23 10.06 13.51
CA THR B 291 2.10 9.27 12.28
C THR B 291 0.70 8.69 12.15
N GLY B 292 0.31 7.82 13.09
CA GLY B 292 -1.05 7.31 13.12
C GLY B 292 -2.06 8.39 13.46
N THR B 293 -3.32 8.12 13.15
CA THR B 293 -4.38 9.09 13.38
C THR B 293 -4.78 9.21 14.84
N GLN B 294 -4.47 8.20 15.64
CA GLN B 294 -4.94 8.10 17.04
C GLN B 294 -3.75 7.98 17.98
N GLU B 295 -2.57 8.37 17.51
CA GLU B 295 -1.31 8.28 18.24
C GLU B 295 -1.00 9.55 18.99
N TRP B 296 -1.82 10.59 18.84
CA TRP B 296 -1.56 11.81 19.57
C TRP B 296 -1.92 11.66 21.04
N GLN B 297 -1.35 12.56 21.85
CA GLN B 297 -1.55 12.62 23.28
C GLN B 297 -2.20 13.94 23.64
N TRP B 298 -3.03 13.89 24.66
CA TRP B 298 -3.68 15.06 25.18
C TRP B 298 -2.92 15.53 26.41
N ASP B 299 -2.39 16.75 26.36
CA ASP B 299 -1.57 17.33 27.43
C ASP B 299 -2.18 18.69 27.71
N TYR B 300 -2.87 18.82 28.86
CA TYR B 300 -3.63 20.04 29.16
C TYR B 300 -2.75 21.27 29.01
N GLU B 301 -1.55 21.22 29.61
CA GLU B 301 -0.69 22.41 29.69
C GLU B 301 -0.15 22.77 28.31
N ALA B 302 0.35 21.77 27.56
CA ALA B 302 0.79 22.02 26.18
C ALA B 302 -0.35 22.59 25.34
N ALA B 303 -1.57 22.09 25.56
CA ALA B 303 -2.72 22.60 24.84
C ALA B 303 -2.99 24.06 25.15
N ALA B 304 -3.10 24.38 26.45
CA ALA B 304 -3.29 25.78 26.86
C ALA B 304 -2.24 26.68 26.24
N SER B 305 -0.98 26.21 26.24
CA SER B 305 0.11 27.04 25.77
C SER B 305 0.01 27.32 24.29
N ARG B 306 -0.19 26.29 23.46
CA ARG B 306 -0.21 26.51 22.01
C ARG B 306 -1.48 27.25 21.59
N LEU B 307 -2.61 27.01 22.30
CA LEU B 307 -3.80 27.81 22.03
C LEU B 307 -3.52 29.30 22.31
N ALA B 308 -2.90 29.58 23.46
CA ALA B 308 -2.57 30.97 23.81
C ALA B 308 -1.61 31.57 22.79
N GLY B 309 -0.57 30.82 22.41
CA GLY B 309 0.37 31.32 21.44
C GLY B 309 -0.29 31.68 20.14
N ALA B 310 -1.31 30.92 19.74
CA ALA B 310 -1.89 31.19 18.44
C ALA B 310 -3.03 32.20 18.49
N TYR B 311 -3.84 32.11 19.53
CA TYR B 311 -5.15 32.75 19.63
C TYR B 311 -5.28 33.73 20.79
N GLY B 312 -4.28 33.78 21.66
CA GLY B 312 -4.36 34.69 22.79
C GLY B 312 -4.82 33.99 24.06
N GLU B 313 -4.41 34.55 25.20
CA GLU B 313 -4.61 33.92 26.50
C GLU B 313 -6.08 33.80 26.85
N HIS B 314 -6.89 34.79 26.51
CA HIS B 314 -8.31 34.66 26.84
C HIS B 314 -8.94 33.45 26.14
N ALA B 315 -8.80 33.37 24.83
CA ALA B 315 -9.32 32.22 24.07
C ALA B 315 -8.87 30.90 24.68
N ALA B 316 -7.59 30.79 25.02
CA ALA B 316 -7.08 29.55 25.56
C ALA B 316 -7.69 29.20 26.90
N ALA B 317 -7.77 30.17 27.82
CA ALA B 317 -8.41 29.89 29.10
C ALA B 317 -9.85 29.45 28.90
N GLU B 318 -10.58 30.13 28.04
CA GLU B 318 -11.96 29.76 27.82
C GLU B 318 -12.07 28.33 27.31
N ILE B 319 -11.18 27.95 26.39
CA ILE B 319 -11.27 26.61 25.82
C ILE B 319 -10.94 25.56 26.87
N VAL B 320 -9.81 25.73 27.55
CA VAL B 320 -9.38 24.67 28.47
C VAL B 320 -10.34 24.60 29.66
N ALA B 321 -11.13 25.65 29.88
CA ALA B 321 -12.09 25.62 30.98
C ALA B 321 -13.13 24.49 30.81
N VAL B 322 -13.59 24.25 29.58
CA VAL B 322 -14.65 23.25 29.36
C VAL B 322 -14.09 21.85 29.15
N LEU B 323 -12.79 21.69 29.35
CA LEU B 323 -12.19 20.36 29.29
C LEU B 323 -11.50 19.96 30.62
#